data_7SNN
#
_entry.id   7SNN
#
_cell.length_a   92.272
_cell.length_b   92.272
_cell.length_c   57.870
_cell.angle_alpha   90.000
_cell.angle_beta   90.000
_cell.angle_gamma   120.000
#
_symmetry.space_group_name_H-M   'P 6'
#
loop_
_entity.id
_entity.type
_entity.pdbx_description
1 polymer 'Capsid protein p24'
2 non-polymer 'IODIDE ION'
3 non-polymer N-[(1S)-1-(3-{4-chloro-3-[(methanesulfonyl)amino]-1-methyl-1H-indazol-7-yl}-4-oxo-3,4-dihydroquinazolin-2-yl)-2-(3,5-difluorophenyl)ethyl]-2-[(3aM)-3-(difluoromethyl)cyclopenta[c]pyrazol-1(2H)-yl]acetamide
4 non-polymer 'CHLORIDE ION'
5 water water
#
_entity_poly.entity_id   1
_entity_poly.type   'polypeptide(L)'
_entity_poly.pdbx_seq_one_letter_code
;PIVQNLQGQMVHQCISPRTLNAWVKVVEEKAFSPEVIPMFSALSCGATPQDLNTMLNTVGGHQAAMQMLKETINEEAAEW
DRLHPVHAGPIAPGQMREPRGSDIAGTTSTLQEQIGWMTHNPPIPVGEIYKRWIILGLNKIVRMYSPTSILDIRQGPKEP
FRDYVDRFYKTLRAEQASQEVKNAATETLLVQNANPDCKTILKALGPGATLEEMMTACQGVGGPGHKARVL
;
_entity_poly.pdbx_strand_id   A
#
# COMPACT_ATOMS: atom_id res chain seq x y z
N PRO A 1 5.40 14.32 -10.38
CA PRO A 1 3.95 14.25 -10.16
C PRO A 1 3.20 15.41 -10.79
N ILE A 2 1.87 15.34 -10.75
CA ILE A 2 1.00 16.40 -11.25
C ILE A 2 0.52 17.22 -10.05
N VAL A 3 0.91 18.48 -10.01
CA VAL A 3 0.58 19.36 -8.89
C VAL A 3 -0.06 20.64 -9.43
N GLN A 4 -0.73 21.35 -8.52
CA GLN A 4 -1.35 22.63 -8.82
C GLN A 4 -0.39 23.74 -8.42
N ASN A 5 -0.12 24.66 -9.35
CA ASN A 5 0.85 25.71 -9.12
C ASN A 5 0.22 26.92 -8.43
N LEU A 6 0.69 28.12 -8.78
CA LEU A 6 0.07 29.34 -8.24
C LEU A 6 -1.31 29.55 -8.84
N GLN A 7 -1.49 29.23 -10.12
CA GLN A 7 -2.80 29.28 -10.75
C GLN A 7 -3.57 28.00 -10.42
N GLY A 8 -4.78 27.89 -10.97
CA GLY A 8 -5.63 26.75 -10.72
C GLY A 8 -5.41 25.56 -11.61
N GLN A 9 -4.32 25.53 -12.37
CA GLN A 9 -4.07 24.47 -13.34
C GLN A 9 -3.19 23.38 -12.73
N MET A 10 -3.50 22.14 -13.05
CA MET A 10 -2.67 21.01 -12.67
C MET A 10 -1.50 20.90 -13.63
N VAL A 11 -0.28 20.90 -13.10
CA VAL A 11 0.94 20.98 -13.89
C VAL A 11 1.89 19.89 -13.46
N HIS A 12 2.56 19.28 -14.42
CA HIS A 12 3.59 18.28 -14.12
C HIS A 12 4.84 18.95 -13.58
N GLN A 13 5.47 18.31 -12.60
CA GLN A 13 6.78 18.72 -12.13
C GLN A 13 7.60 17.46 -11.84
N CYS A 14 8.91 17.59 -11.94
CA CYS A 14 9.79 16.43 -11.81
C CYS A 14 9.74 15.86 -10.40
N ILE A 15 9.97 14.55 -10.31
CA ILE A 15 10.05 13.89 -9.02
C ILE A 15 11.32 14.36 -8.30
N SER A 16 11.20 14.62 -7.01
CA SER A 16 12.32 15.29 -6.37
C SER A 16 13.38 14.28 -5.92
N PRO A 17 14.63 14.70 -5.82
CA PRO A 17 15.66 13.82 -5.24
C PRO A 17 15.35 13.40 -3.81
N ARG A 18 14.64 14.24 -3.06
CA ARG A 18 14.25 13.87 -1.70
C ARG A 18 13.24 12.72 -1.72
N THR A 19 12.27 12.78 -2.64
CA THR A 19 11.28 11.71 -2.73
C THR A 19 11.92 10.42 -3.23
N LEU A 20 12.80 10.53 -4.23
CA LEU A 20 13.49 9.35 -4.75
C LEU A 20 14.29 8.65 -3.65
N ASN A 21 15.06 9.42 -2.88
CA ASN A 21 15.88 8.83 -1.84
C ASN A 21 15.04 8.33 -0.67
N ALA A 22 13.94 9.02 -0.35
CA ALA A 22 13.11 8.59 0.77
C ALA A 22 12.48 7.23 0.50
N TRP A 23 12.11 6.97 -0.76
CA TRP A 23 11.51 5.68 -1.09
C TRP A 23 12.57 4.57 -1.13
N VAL A 24 13.75 4.88 -1.65
CA VAL A 24 14.82 3.89 -1.68
C VAL A 24 15.26 3.52 -0.27
N LYS A 25 15.26 4.52 0.64
CA LYS A 25 15.75 4.27 1.99
C LYS A 25 14.76 3.42 2.80
N VAL A 26 13.47 3.71 2.70
CA VAL A 26 12.49 2.98 3.50
C VAL A 26 12.42 1.52 3.07
N VAL A 27 12.72 1.23 1.80
CA VAL A 27 12.76 -0.16 1.36
C VAL A 27 14.02 -0.85 1.87
N GLU A 28 15.14 -0.12 1.90
CA GLU A 28 16.39 -0.71 2.38
C GLU A 28 16.33 -0.98 3.88
N GLU A 29 15.68 -0.10 4.64
CA GLU A 29 15.70 -0.16 6.09
C GLU A 29 14.48 -0.83 6.71
N LYS A 30 13.43 -1.08 5.92
CA LYS A 30 12.24 -1.74 6.44
C LYS A 30 11.68 -2.83 5.54
N ALA A 31 12.28 -3.07 4.37
CA ALA A 31 11.85 -4.13 3.46
C ALA A 31 10.37 -4.02 3.13
N PHE A 32 9.58 -5.03 3.52
CA PHE A 32 8.15 -5.06 3.26
C PHE A 32 7.35 -5.20 4.55
N SER A 33 7.74 -4.45 5.57
CA SER A 33 6.91 -4.32 6.75
C SER A 33 5.62 -3.60 6.37
N PRO A 34 4.55 -3.79 7.15
CA PRO A 34 3.27 -3.16 6.78
C PRO A 34 3.35 -1.64 6.64
N GLU A 35 4.14 -0.96 7.47
CA GLU A 35 4.20 0.48 7.43
C GLU A 35 4.91 1.02 6.18
N VAL A 36 5.48 0.14 5.36
CA VAL A 36 6.10 0.59 4.12
C VAL A 36 5.04 0.96 3.10
N ILE A 37 3.87 0.33 3.16
CA ILE A 37 2.81 0.63 2.20
C ILE A 37 2.34 2.08 2.30
N PRO A 38 1.93 2.59 3.48
CA PRO A 38 1.47 3.99 3.51
C PRO A 38 2.58 4.99 3.23
N MET A 39 3.83 4.64 3.53
CA MET A 39 4.94 5.51 3.13
C MET A 39 5.04 5.58 1.62
N PHE A 40 4.86 4.46 0.93
CA PHE A 40 4.84 4.46 -0.53
C PHE A 40 3.68 5.29 -1.06
N SER A 41 2.49 5.10 -0.49
CA SER A 41 1.33 5.85 -0.94
C SER A 41 1.49 7.34 -0.72
N ALA A 42 2.20 7.73 0.34
CA ALA A 42 2.40 9.16 0.62
C ALA A 42 3.53 9.74 -0.23
N LEU A 43 4.61 8.98 -0.42
CA LEU A 43 5.72 9.48 -1.23
C LEU A 43 5.34 9.60 -2.70
N SER A 44 4.37 8.81 -3.16
CA SER A 44 3.88 8.87 -4.53
C SER A 44 2.61 9.72 -4.65
N CYS A 45 2.49 10.75 -3.82
CA CYS A 45 1.32 11.61 -3.87
C CYS A 45 1.26 12.36 -5.21
N GLY A 46 0.15 12.20 -5.91
CA GLY A 46 0.00 12.83 -7.21
C GLY A 46 0.90 12.29 -8.29
N ALA A 47 1.46 11.09 -8.10
CA ALA A 47 2.44 10.57 -9.04
C ALA A 47 1.78 10.13 -10.34
N THR A 48 2.48 10.35 -11.45
CA THR A 48 2.10 9.78 -12.73
C THR A 48 2.50 8.31 -12.77
N PRO A 49 1.99 7.55 -13.74
CA PRO A 49 2.49 6.17 -13.91
C PRO A 49 3.99 6.11 -14.12
N GLN A 50 4.58 7.14 -14.75
CA GLN A 50 6.03 7.16 -14.94
C GLN A 50 6.76 7.25 -13.60
N ASP A 51 6.26 8.12 -12.70
CA ASP A 51 6.89 8.24 -11.38
C ASP A 51 6.73 6.97 -10.57
N LEU A 52 5.59 6.28 -10.73
CA LEU A 52 5.37 5.03 -10.00
C LEU A 52 6.35 3.96 -10.46
N ASN A 53 6.55 3.83 -11.78
CA ASN A 53 7.55 2.90 -12.28
C ASN A 53 8.95 3.31 -11.85
N THR A 54 9.22 4.61 -11.81
CA THR A 54 10.52 5.10 -11.37
C THR A 54 10.82 4.65 -9.95
N MET A 55 9.85 4.83 -9.04
CA MET A 55 10.05 4.42 -7.65
C MET A 55 10.24 2.92 -7.55
N LEU A 56 9.49 2.14 -8.31
CA LEU A 56 9.66 0.69 -8.28
C LEU A 56 10.97 0.26 -8.92
N ASN A 57 11.43 0.96 -9.94
CA ASN A 57 12.66 0.56 -10.62
C ASN A 57 13.89 0.86 -9.77
N THR A 58 13.88 1.98 -9.04
CA THR A 58 15.04 2.36 -8.24
C THR A 58 15.32 1.39 -7.10
N VAL A 59 14.39 0.49 -6.80
CA VAL A 59 14.58 -0.50 -5.74
C VAL A 59 15.51 -1.58 -6.26
N GLY A 60 16.70 -1.68 -5.68
CA GLY A 60 17.60 -2.79 -5.95
C GLY A 60 17.34 -3.91 -4.95
N GLY A 61 17.47 -5.15 -5.43
CA GLY A 61 17.16 -6.30 -4.61
C GLY A 61 15.66 -6.46 -4.44
N HIS A 62 15.29 -7.49 -3.66
CA HIS A 62 13.89 -7.89 -3.48
C HIS A 62 13.20 -8.12 -4.82
N GLN A 63 13.95 -8.56 -5.82
CA GLN A 63 13.41 -8.72 -7.16
C GLN A 63 12.35 -9.81 -7.25
N ALA A 64 12.35 -10.77 -6.34
CA ALA A 64 11.26 -11.74 -6.28
C ALA A 64 9.94 -11.06 -5.99
N ALA A 65 9.93 -10.12 -5.03
CA ALA A 65 8.72 -9.37 -4.74
C ALA A 65 8.37 -8.43 -5.88
N MET A 66 9.38 -7.78 -6.48
CA MET A 66 9.11 -6.87 -7.58
C MET A 66 8.62 -7.61 -8.81
N GLN A 67 9.10 -8.84 -9.03
CA GLN A 67 8.57 -9.64 -10.14
C GLN A 67 7.13 -10.06 -9.86
N MET A 68 6.83 -10.43 -8.60
CA MET A 68 5.44 -10.69 -8.24
C MET A 68 4.59 -9.44 -8.39
N LEU A 69 5.18 -8.26 -8.19
CA LEU A 69 4.45 -7.02 -8.40
C LEU A 69 4.09 -6.84 -9.87
N LYS A 70 5.00 -7.22 -10.78
CA LYS A 70 4.69 -7.15 -12.20
C LYS A 70 3.54 -8.07 -12.55
N GLU A 71 3.50 -9.26 -11.96
CA GLU A 71 2.42 -10.20 -12.24
C GLU A 71 1.07 -9.66 -11.77
N THR A 72 1.06 -9.03 -10.59
CA THR A 72 -0.19 -8.46 -10.10
C THR A 72 -0.65 -7.30 -10.98
N ILE A 73 0.28 -6.45 -11.41
CA ILE A 73 -0.06 -5.34 -12.28
C ILE A 73 -0.60 -5.85 -13.62
N ASN A 74 -0.01 -6.93 -14.14
CA ASN A 74 -0.49 -7.50 -15.39
C ASN A 74 -1.89 -8.07 -15.24
N GLU A 75 -2.20 -8.66 -14.08
CA GLU A 75 -3.55 -9.18 -13.85
C GLU A 75 -4.57 -8.05 -13.80
N GLU A 76 -4.27 -7.00 -13.05
CA GLU A 76 -5.19 -5.88 -12.93
C GLU A 76 -5.32 -5.11 -14.25
N ALA A 77 -4.24 -5.01 -15.01
CA ALA A 77 -4.32 -4.36 -16.31
C ALA A 77 -5.19 -5.15 -17.27
N ALA A 78 -5.09 -6.48 -17.23
CA ALA A 78 -5.93 -7.31 -18.08
C ALA A 78 -7.40 -7.22 -17.68
N GLU A 79 -7.69 -7.09 -16.39
CA GLU A 79 -9.06 -6.89 -15.96
C GLU A 79 -9.58 -5.52 -16.36
N TRP A 80 -8.70 -4.51 -16.38
CA TRP A 80 -9.11 -3.19 -16.86
C TRP A 80 -9.47 -3.24 -18.34
N ASP A 81 -8.69 -3.97 -19.14
CA ASP A 81 -8.99 -4.09 -20.56
C ASP A 81 -10.29 -4.85 -20.79
N ARG A 82 -10.59 -5.83 -19.94
CA ARG A 82 -11.85 -6.56 -20.08
C ARG A 82 -13.04 -5.66 -19.77
N LEU A 83 -12.90 -4.76 -18.79
CA LEU A 83 -13.98 -3.86 -18.43
C LEU A 83 -14.04 -2.61 -19.29
N HIS A 84 -12.93 -2.22 -19.92
CA HIS A 84 -12.86 -1.00 -20.73
C HIS A 84 -12.19 -1.31 -22.06
N PRO A 85 -12.93 -1.87 -23.01
CA PRO A 85 -12.37 -2.09 -24.35
C PRO A 85 -12.26 -0.78 -25.12
N VAL A 86 -11.07 -0.54 -25.67
CA VAL A 86 -10.84 0.69 -26.42
C VAL A 86 -11.62 0.65 -27.73
N HIS A 87 -12.37 1.70 -28.01
CA HIS A 87 -13.15 1.82 -29.23
C HIS A 87 -12.34 2.59 -30.26
N ALA A 88 -12.13 1.99 -31.43
CA ALA A 88 -11.30 2.58 -32.45
C ALA A 88 -11.97 3.82 -33.04
N GLY A 89 -11.15 4.66 -33.68
CA GLY A 89 -11.62 5.89 -34.26
C GLY A 89 -10.64 7.03 -34.03
N PRO A 90 -10.67 8.04 -34.90
CA PRO A 90 -9.76 9.18 -34.74
C PRO A 90 -10.11 9.99 -33.50
N ILE A 91 -9.07 10.39 -32.77
CA ILE A 91 -9.26 11.15 -31.54
C ILE A 91 -9.53 12.61 -31.89
N ALA A 92 -10.60 13.16 -31.31
CA ALA A 92 -10.98 14.54 -31.59
C ALA A 92 -9.89 15.50 -31.11
N PRO A 93 -9.78 16.67 -31.73
CA PRO A 93 -8.76 17.64 -31.30
C PRO A 93 -8.94 18.05 -29.85
N GLY A 94 -7.80 18.24 -29.17
CA GLY A 94 -7.84 18.65 -27.78
C GLY A 94 -8.43 17.62 -26.85
N GLN A 95 -8.28 16.33 -27.17
CA GLN A 95 -8.82 15.24 -26.37
C GLN A 95 -7.76 14.17 -26.19
N MET A 96 -8.15 13.08 -25.52
CA MET A 96 -7.24 12.00 -25.18
C MET A 96 -7.86 10.67 -25.58
N ARG A 97 -7.03 9.75 -26.07
CA ARG A 97 -7.47 8.40 -26.35
C ARG A 97 -7.75 7.65 -25.06
N GLU A 98 -8.55 6.61 -25.17
CA GLU A 98 -8.87 5.80 -23.99
C GLU A 98 -7.66 4.98 -23.58
N PRO A 99 -7.29 4.97 -22.30
CA PRO A 99 -6.09 4.23 -21.88
C PRO A 99 -6.35 2.74 -21.78
N ARG A 100 -5.36 1.96 -22.18
CA ARG A 100 -5.38 0.52 -21.98
C ARG A 100 -4.83 0.19 -20.60
N GLY A 101 -4.74 -1.11 -20.30
CA GLY A 101 -4.10 -1.51 -19.05
C GLY A 101 -2.64 -1.15 -19.01
N SER A 102 -1.93 -1.43 -20.11
CA SER A 102 -0.51 -1.09 -20.20
C SER A 102 -0.29 0.41 -20.28
N ASP A 103 -1.30 1.18 -20.67
CA ASP A 103 -1.17 2.64 -20.64
C ASP A 103 -1.22 3.16 -19.21
N ILE A 104 -2.09 2.59 -18.38
CA ILE A 104 -2.15 2.98 -16.97
C ILE A 104 -0.88 2.56 -16.24
N ALA A 105 -0.32 1.40 -16.60
CA ALA A 105 0.92 0.94 -16.02
C ALA A 105 2.15 1.67 -16.55
N GLY A 106 1.97 2.64 -17.44
CA GLY A 106 3.08 3.40 -17.98
C GLY A 106 3.93 2.65 -18.98
N THR A 107 3.46 1.50 -19.48
CA THR A 107 4.26 0.69 -20.39
C THR A 107 4.16 1.19 -21.83
N THR A 108 2.94 1.45 -22.29
CA THR A 108 2.69 1.86 -23.67
C THR A 108 2.16 3.28 -23.78
N SER A 109 2.39 4.11 -22.76
CA SER A 109 1.92 5.49 -22.75
C SER A 109 3.09 6.43 -22.49
N THR A 110 3.09 7.55 -23.20
CA THR A 110 4.11 8.57 -23.00
C THR A 110 3.77 9.42 -21.77
N LEU A 111 4.69 10.30 -21.41
CA LEU A 111 4.47 11.16 -20.25
C LEU A 111 3.37 12.18 -20.52
N GLN A 112 3.38 12.81 -21.71
N GLN A 112 3.39 12.80 -21.71
CA GLN A 112 2.36 13.82 -22.00
CA GLN A 112 2.39 13.80 -22.06
C GLN A 112 0.98 13.21 -22.19
C GLN A 112 0.99 13.19 -22.12
N GLU A 113 0.89 11.91 -22.50
CA GLU A 113 -0.40 11.24 -22.49
C GLU A 113 -0.89 11.06 -21.07
N GLN A 114 0.01 10.66 -20.16
CA GLN A 114 -0.36 10.57 -18.75
C GLN A 114 -0.72 11.94 -18.19
N ILE A 115 0.01 12.98 -18.59
CA ILE A 115 -0.37 14.34 -18.23
C ILE A 115 -1.74 14.69 -18.80
N GLY A 116 -1.99 14.26 -20.04
CA GLY A 116 -3.27 14.56 -20.66
C GLY A 116 -4.44 13.91 -19.96
N TRP A 117 -4.28 12.65 -19.54
CA TRP A 117 -5.35 11.97 -18.84
C TRP A 117 -5.57 12.54 -17.44
N MET A 118 -4.48 12.81 -16.71
CA MET A 118 -4.61 13.24 -15.33
C MET A 118 -5.07 14.69 -15.22
N THR A 119 -4.67 15.54 -16.14
CA THR A 119 -5.10 16.94 -16.15
C THR A 119 -6.34 17.16 -17.01
N HIS A 120 -6.96 16.09 -17.50
CA HIS A 120 -8.17 16.21 -18.29
C HIS A 120 -9.32 16.71 -17.42
N ASN A 121 -10.41 17.13 -18.06
CA ASN A 121 -11.61 17.57 -17.37
C ASN A 121 -12.81 16.97 -18.09
N PRO A 122 -13.41 15.89 -17.56
CA PRO A 122 -13.04 15.23 -16.30
C PRO A 122 -11.75 14.41 -16.40
N PRO A 123 -10.99 14.36 -15.30
CA PRO A 123 -9.69 13.68 -15.34
C PRO A 123 -9.84 12.17 -15.40
N ILE A 124 -8.88 11.55 -16.08
CA ILE A 124 -8.72 10.09 -16.04
C ILE A 124 -7.54 9.80 -15.13
N PRO A 125 -7.76 9.56 -13.84
CA PRO A 125 -6.64 9.43 -12.90
C PRO A 125 -5.85 8.15 -13.10
N VAL A 126 -5.08 8.06 -14.18
CA VAL A 126 -4.27 6.87 -14.42
C VAL A 126 -3.22 6.67 -13.34
N GLY A 127 -2.83 7.73 -12.63
CA GLY A 127 -1.87 7.56 -11.54
C GLY A 127 -2.49 6.87 -10.34
N GLU A 128 -3.70 7.28 -9.95
CA GLU A 128 -4.37 6.66 -8.82
C GLU A 128 -4.81 5.24 -9.15
N ILE A 129 -5.19 4.97 -10.40
CA ILE A 129 -5.57 3.62 -10.80
C ILE A 129 -4.36 2.71 -10.75
N TYR A 130 -3.21 3.18 -11.26
CA TYR A 130 -2.00 2.38 -11.23
C TYR A 130 -1.51 2.17 -9.79
N LYS A 131 -1.54 3.24 -8.98
CA LYS A 131 -1.13 3.11 -7.59
C LYS A 131 -2.02 2.12 -6.84
N ARG A 132 -3.31 2.09 -7.18
CA ARG A 132 -4.21 1.13 -6.56
C ARG A 132 -3.80 -0.31 -6.91
N TRP A 133 -3.33 -0.52 -8.14
CA TRP A 133 -2.83 -1.83 -8.52
C TRP A 133 -1.53 -2.17 -7.82
N ILE A 134 -0.64 -1.19 -7.68
CA ILE A 134 0.65 -1.42 -7.04
C ILE A 134 0.47 -1.72 -5.56
N ILE A 135 -0.38 -0.94 -4.88
CA ILE A 135 -0.63 -1.17 -3.46
C ILE A 135 -1.29 -2.52 -3.25
N LEU A 136 -2.17 -2.91 -4.17
CA LEU A 136 -2.79 -4.24 -4.10
C LEU A 136 -1.73 -5.34 -4.15
N GLY A 137 -0.80 -5.24 -5.10
CA GLY A 137 0.27 -6.21 -5.18
C GLY A 137 1.21 -6.14 -4.00
N LEU A 138 1.53 -4.93 -3.55
CA LEU A 138 2.41 -4.77 -2.40
C LEU A 138 1.80 -5.37 -1.14
N ASN A 139 0.48 -5.28 -0.98
CA ASN A 139 -0.17 -5.94 0.15
C ASN A 139 -0.07 -7.46 0.05
N LYS A 140 -0.10 -8.00 -1.17
CA LYS A 140 0.14 -9.43 -1.35
C LYS A 140 1.56 -9.80 -0.94
N ILE A 141 2.52 -8.89 -1.13
CA ILE A 141 3.88 -9.15 -0.70
C ILE A 141 3.96 -9.19 0.82
N VAL A 142 3.25 -8.28 1.49
CA VAL A 142 3.36 -8.16 2.94
C VAL A 142 2.78 -9.40 3.63
N ARG A 143 1.56 -9.78 3.27
CA ARG A 143 0.96 -10.97 3.84
C ARG A 143 1.78 -12.21 3.52
N MET A 144 2.44 -12.24 2.35
CA MET A 144 3.22 -13.40 1.97
C MET A 144 4.51 -13.48 2.77
N TYR A 145 5.18 -12.35 2.97
CA TYR A 145 6.43 -12.30 3.71
C TYR A 145 6.22 -12.18 5.21
N SER A 146 4.98 -12.21 5.67
CA SER A 146 4.69 -12.20 7.11
C SER A 146 5.20 -13.50 7.73
N PRO A 147 6.16 -13.44 8.66
CA PRO A 147 6.78 -14.68 9.14
C PRO A 147 5.93 -15.47 10.14
N THR A 148 5.18 -14.76 10.98
CA THR A 148 4.48 -15.37 12.09
C THR A 148 2.97 -15.29 11.88
N SER A 149 2.28 -16.38 12.22
CA SER A 149 0.83 -16.40 12.24
C SER A 149 0.31 -15.84 13.56
N ILE A 150 -0.93 -15.35 13.52
CA ILE A 150 -1.53 -14.78 14.72
C ILE A 150 -1.84 -15.86 15.75
N LEU A 151 -1.95 -17.12 15.33
CA LEU A 151 -2.21 -18.21 16.26
C LEU A 151 -1.01 -18.52 17.15
N ASP A 152 0.19 -18.09 16.75
CA ASP A 152 1.41 -18.38 17.49
C ASP A 152 1.87 -17.22 18.36
N ILE A 153 1.16 -16.10 18.36
CA ILE A 153 1.49 -14.95 19.20
C ILE A 153 0.82 -15.17 20.56
N ARG A 154 1.60 -15.65 21.52
CA ARG A 154 1.10 -15.94 22.86
C ARG A 154 1.89 -15.13 23.88
N GLN A 155 1.21 -14.69 24.93
CA GLN A 155 1.88 -13.94 25.99
C GLN A 155 2.71 -14.87 26.86
N GLY A 156 3.95 -14.48 27.13
CA GLY A 156 4.81 -15.25 27.99
C GLY A 156 4.35 -15.22 29.43
N PRO A 157 4.83 -16.17 30.24
CA PRO A 157 4.44 -16.18 31.66
C PRO A 157 4.85 -14.92 32.40
N LYS A 158 5.98 -14.32 32.03
CA LYS A 158 6.45 -13.09 32.66
C LYS A 158 6.49 -11.93 31.68
N GLU A 159 5.93 -12.09 30.48
CA GLU A 159 5.93 -11.01 29.51
C GLU A 159 4.90 -9.96 29.90
N PRO A 160 5.27 -8.68 29.94
CA PRO A 160 4.28 -7.63 30.21
C PRO A 160 3.19 -7.63 29.16
N PHE A 161 1.96 -7.38 29.61
CA PHE A 161 0.81 -7.43 28.69
C PHE A 161 0.94 -6.40 27.58
N ARG A 162 1.57 -5.26 27.85
CA ARG A 162 1.75 -4.25 26.82
C ARG A 162 2.62 -4.77 25.68
N ASP A 163 3.74 -5.42 26.03
CA ASP A 163 4.61 -5.97 25.00
C ASP A 163 3.93 -7.08 24.22
N TYR A 164 3.07 -7.86 24.88
CA TYR A 164 2.34 -8.92 24.18
C TYR A 164 1.34 -8.35 23.19
N VAL A 165 0.60 -7.31 23.59
CA VAL A 165 -0.34 -6.68 22.67
C VAL A 165 0.42 -5.98 21.54
N ASP A 166 1.61 -5.47 21.82
CA ASP A 166 2.44 -4.88 20.76
C ASP A 166 2.78 -5.93 19.70
N ARG A 167 3.15 -7.13 20.13
CA ARG A 167 3.46 -8.19 19.17
C ARG A 167 2.20 -8.73 18.49
N PHE A 168 1.07 -8.69 19.20
CA PHE A 168 -0.16 -9.26 18.66
C PHE A 168 -0.67 -8.46 17.46
N TYR A 169 -0.85 -7.15 17.65
CA TYR A 169 -1.39 -6.33 16.57
C TYR A 169 -0.36 -5.98 15.51
N LYS A 170 0.93 -6.08 15.83
CA LYS A 170 1.95 -5.98 14.78
C LYS A 170 1.87 -7.19 13.85
N THR A 171 1.73 -8.39 14.41
CA THR A 171 1.54 -9.58 13.59
C THR A 171 0.19 -9.53 12.88
N LEU A 172 -0.86 -9.09 13.56
CA LEU A 172 -2.17 -9.00 12.95
C LEU A 172 -2.19 -8.03 11.79
N ARG A 173 -1.42 -6.94 11.88
CA ARG A 173 -1.36 -5.98 10.79
C ARG A 173 -0.67 -6.56 9.56
N ALA A 174 0.31 -7.44 9.76
CA ALA A 174 1.01 -8.04 8.63
C ALA A 174 0.14 -9.09 7.95
N GLU A 175 -0.47 -9.97 8.74
CA GLU A 175 -1.36 -10.99 8.18
C GLU A 175 -2.61 -10.38 7.56
N GLN A 176 -3.02 -9.20 8.00
CA GLN A 176 -4.19 -8.51 7.49
C GLN A 176 -5.45 -9.37 7.55
N GLU A 187 -9.60 -10.30 18.19
CA GLU A 187 -10.27 -9.70 19.34
C GLU A 187 -10.32 -10.67 20.51
N THR A 188 -11.19 -11.67 20.40
CA THR A 188 -11.26 -12.70 21.44
C THR A 188 -10.04 -13.60 21.44
N LEU A 189 -9.27 -13.62 20.36
CA LEU A 189 -8.01 -14.36 20.34
C LEU A 189 -6.96 -13.70 21.21
N LEU A 190 -7.06 -12.37 21.38
CA LEU A 190 -6.13 -11.66 22.25
C LEU A 190 -6.27 -12.12 23.69
N VAL A 191 -7.50 -12.43 24.13
CA VAL A 191 -7.71 -12.92 25.48
C VAL A 191 -7.26 -14.37 25.60
N GLN A 192 -7.54 -15.19 24.58
CA GLN A 192 -7.19 -16.60 24.66
C GLN A 192 -5.69 -16.82 24.64
N ASN A 193 -4.93 -15.97 23.94
CA ASN A 193 -3.49 -16.13 23.84
C ASN A 193 -2.73 -15.42 24.95
N ALA A 194 -3.43 -14.85 25.93
CA ALA A 194 -2.77 -14.26 27.08
C ALA A 194 -2.35 -15.34 28.07
N ASN A 195 -1.41 -14.99 28.96
CA ASN A 195 -0.90 -15.95 29.92
C ASN A 195 -1.99 -16.25 30.96
N PRO A 196 -1.83 -17.33 31.75
CA PRO A 196 -2.89 -17.69 32.71
C PRO A 196 -3.27 -16.59 33.68
N ASP A 197 -2.29 -15.85 34.22
CA ASP A 197 -2.61 -14.84 35.23
C ASP A 197 -3.42 -13.70 34.63
N CYS A 198 -3.04 -13.21 33.45
N CYS A 198 -3.04 -13.24 33.43
CA CYS A 198 -3.81 -12.12 32.84
CA CYS A 198 -3.74 -12.15 32.78
C CYS A 198 -5.13 -12.60 32.26
C CYS A 198 -5.10 -12.60 32.24
N LYS A 199 -5.19 -13.84 31.76
CA LYS A 199 -6.45 -14.34 31.23
C LYS A 199 -7.51 -14.46 32.31
N THR A 200 -7.10 -14.82 33.54
CA THR A 200 -8.04 -14.84 34.66
C THR A 200 -8.59 -13.44 34.92
N ILE A 201 -7.74 -12.41 34.81
CA ILE A 201 -8.19 -11.05 35.03
C ILE A 201 -9.13 -10.60 33.90
N LEU A 202 -8.83 -11.01 32.68
CA LEU A 202 -9.63 -10.56 31.54
C LEU A 202 -10.99 -11.24 31.48
N LYS A 203 -11.07 -12.51 31.92
CA LYS A 203 -12.36 -13.19 31.90
C LYS A 203 -13.35 -12.54 32.86
N ALA A 204 -12.90 -12.19 34.06
CA ALA A 204 -13.74 -11.51 35.03
C ALA A 204 -13.99 -10.04 34.70
N LEU A 205 -13.37 -9.52 33.63
CA LEU A 205 -13.53 -8.12 33.27
C LEU A 205 -14.77 -7.86 32.44
N GLY A 206 -15.21 -8.82 31.64
CA GLY A 206 -16.38 -8.65 30.81
C GLY A 206 -16.07 -8.86 29.34
N PRO A 207 -17.09 -9.27 28.57
CA PRO A 207 -16.86 -9.54 27.15
C PRO A 207 -16.75 -8.29 26.29
N GLY A 208 -17.22 -7.13 26.77
CA GLY A 208 -17.19 -5.93 25.98
C GLY A 208 -16.20 -4.89 26.45
N ALA A 209 -15.07 -5.35 27.02
CA ALA A 209 -14.05 -4.44 27.51
C ALA A 209 -13.20 -3.91 26.36
N THR A 210 -12.83 -2.63 26.45
CA THR A 210 -11.98 -2.02 25.45
C THR A 210 -10.53 -2.44 25.67
N LEU A 211 -9.68 -2.10 24.71
CA LEU A 211 -8.27 -2.48 24.82
C LEU A 211 -7.59 -1.76 25.98
N GLU A 212 -7.87 -0.46 26.15
CA GLU A 212 -7.28 0.25 27.27
C GLU A 212 -7.82 -0.25 28.60
N GLU A 213 -9.06 -0.76 28.61
CA GLU A 213 -9.59 -1.37 29.83
C GLU A 213 -8.92 -2.71 30.09
N MET A 214 -8.64 -3.48 29.04
CA MET A 214 -7.96 -4.76 29.22
C MET A 214 -6.50 -4.57 29.58
N MET A 215 -5.80 -3.66 28.90
CA MET A 215 -4.40 -3.42 29.20
C MET A 215 -4.21 -2.84 30.59
N THR A 216 -5.17 -2.02 31.07
CA THR A 216 -5.08 -1.49 32.42
C THR A 216 -5.27 -2.59 33.45
N ALA A 217 -6.15 -3.56 33.17
CA ALA A 217 -6.42 -4.62 34.13
C ALA A 217 -5.24 -5.57 34.28
N CYS A 218 -4.52 -5.83 33.20
CA CYS A 218 -3.34 -6.69 33.25
C CYS A 218 -2.04 -5.90 33.39
N GLN A 219 -2.15 -4.60 33.65
CA GLN A 219 -0.96 -3.76 33.83
C GLN A 219 -0.29 -4.10 35.15
N GLY A 220 0.89 -4.69 35.09
CA GLY A 220 1.61 -5.09 36.28
C GLY A 220 2.92 -4.34 36.49
#